data_6SBD
#
_entry.id   6SBD
#
_cell.length_a   47.990
_cell.length_b   76.770
_cell.length_c   91.340
_cell.angle_alpha   90.000
_cell.angle_beta   90.000
_cell.angle_gamma   90.000
#
_symmetry.space_group_name_H-M   'P 21 21 21'
#
loop_
_entity.id
_entity.type
_entity.pdbx_description
1 polymer MstE
2 non-polymer GLYCEROL
3 non-polymer (4S)-2-METHYL-2,4-PENTANEDIOL
4 non-polymer '(4~{a}~{R},4~{b}~{S},6~{a}~{R},11~{a}~{R},11~{b}~{S},13~{a}~{R})-1,1,4~{a},6~{a},11~{b}-pentamethyl-9,10-bis(oxidanyl)- 3,4,4~{b},5,6,11,11~{a},12,13,13~{a}-decahydro-2~{H}-indeno[2,1-a]phenanthrene-7-carboxylic acid'
5 water water
#
_entity_poly.entity_id   1
_entity_poly.type   'polypeptide(L)'
_entity_poly.pdbx_seq_one_letter_code
;GSTLQPLENSTRQEKLLYPKLNQLSNSINAAVAFLLEARNLEGWWQDFNFPQAASIGDEWVTAYVGTMLATLPYAHVHEA
LMQAWELLKIRDHRPTGEWGYNYILCGDAATTGWALQLAAAVGASDSERAQQARAALATHLQPNGGIATFAEESIRAYIK
VPDLANVSFQGWCGAHTCVSAAVAALPEFRSRLHDYLRVTQTSQGNWEGYWWSDHEYTTALTAEALAAGGQAADQPSIEQ
AVAWGLKRLCPQGFVATSKHPNGSTFATAWCLRLLLLNTVDAEVKAARAAAIGWLLEQQRPNGSWVSSAYLRIPYPFDRN
PNQFPHWRYYDEIEGDKRFEGSIIFDHNSIFTTATVVNSLVKAAPML
;
_entity_poly.pdbx_strand_id   A
#
# COMPACT_ATOMS: atom_id res chain seq x y z
N LEU A 16 26.27 -4.13 16.74
CA LEU A 16 25.38 -5.05 15.97
C LEU A 16 25.32 -6.40 16.66
N LEU A 17 24.13 -6.91 16.92
CA LEU A 17 23.89 -8.22 17.55
C LEU A 17 23.76 -9.23 16.42
N TYR A 18 24.80 -10.03 16.16
CA TYR A 18 24.75 -10.89 14.95
C TYR A 18 23.59 -11.86 15.04
N PRO A 19 23.21 -12.40 16.23
CA PRO A 19 22.03 -13.26 16.27
C PRO A 19 20.75 -12.59 15.71
N LYS A 20 20.59 -11.30 15.99
CA LYS A 20 19.42 -10.56 15.53
C LYS A 20 19.51 -10.31 14.02
N LEU A 21 20.69 -10.00 13.51
CA LEU A 21 20.92 -9.89 12.07
C LEU A 21 20.55 -11.22 11.40
N ASN A 22 21.00 -12.33 11.94
CA ASN A 22 20.70 -13.65 11.37
C ASN A 22 19.22 -13.97 11.51
N GLN A 23 18.58 -13.65 12.64
CA GLN A 23 17.14 -13.91 12.73
C GLN A 23 16.38 -13.08 11.68
N LEU A 24 16.80 -11.84 11.44
CA LEU A 24 16.14 -11.00 10.39
C LEU A 24 16.27 -11.77 9.05
N SER A 25 17.42 -12.33 8.72
CA SER A 25 17.52 -13.15 7.49
C SER A 25 16.53 -14.30 7.55
N ASN A 26 16.52 -15.05 8.65
CA ASN A 26 15.66 -16.24 8.76
C ASN A 26 14.19 -15.85 8.65
N SER A 27 13.82 -14.73 9.27
CA SER A 27 12.42 -14.24 9.24
C SER A 27 12.03 -13.87 7.80
N ILE A 28 12.88 -13.09 7.16
CA ILE A 28 12.60 -12.66 5.78
C ILE A 28 12.48 -13.90 4.88
N ASN A 29 13.38 -14.86 5.05
CA ASN A 29 13.35 -16.04 4.16
C ASN A 29 12.09 -16.87 4.38
N ALA A 30 11.69 -17.05 5.62
CA ALA A 30 10.46 -17.79 5.94
C ALA A 30 9.25 -17.11 5.30
N ALA A 31 9.22 -15.79 5.36
CA ALA A 31 8.11 -15.04 4.79
C ALA A 31 8.12 -15.16 3.26
N VAL A 32 9.30 -15.07 2.65
CA VAL A 32 9.39 -15.20 1.17
C VAL A 32 8.92 -16.58 0.77
N ALA A 33 9.32 -17.61 1.51
CA ALA A 33 8.84 -18.96 1.18
C ALA A 33 7.30 -19.03 1.31
N PHE A 34 6.75 -18.48 2.38
CA PHE A 34 5.29 -18.45 2.56
C PHE A 34 4.63 -17.81 1.32
N LEU A 35 5.13 -16.63 0.97
CA LEU A 35 4.52 -15.88 -0.16
C LEU A 35 4.65 -16.63 -1.47
N LEU A 36 5.82 -17.19 -1.79
CA LEU A 36 5.93 -17.91 -3.08
C LEU A 36 5.00 -19.12 -3.08
N GLU A 37 4.89 -19.83 -1.98
CA GLU A 37 4.00 -21.02 -1.92
C GLU A 37 2.53 -20.62 -1.97
N ALA A 38 2.20 -19.39 -1.57
CA ALA A 38 0.81 -18.90 -1.47
C ALA A 38 0.22 -18.45 -2.80
N ARG A 39 0.97 -18.57 -3.86
CA ARG A 39 0.44 -18.27 -5.22
C ARG A 39 -0.53 -19.36 -5.67
N ASN A 40 -1.47 -18.98 -6.54
CA ASN A 40 -2.45 -19.94 -7.08
C ASN A 40 -1.83 -20.72 -8.23
N LEU A 41 -2.61 -21.58 -8.87
CA LEU A 41 -2.00 -22.54 -9.82
C LEU A 41 -1.41 -21.72 -10.97
N GLU A 42 -2.00 -20.60 -11.31
CA GLU A 42 -1.54 -19.76 -12.45
C GLU A 42 -0.37 -18.86 -12.03
N GLY A 43 -0.21 -18.63 -10.74
CA GLY A 43 0.92 -17.84 -10.20
C GLY A 43 0.48 -16.51 -9.58
N TRP A 44 -0.82 -16.21 -9.52
CA TRP A 44 -1.30 -14.99 -8.88
C TRP A 44 -1.18 -15.07 -7.37
N TRP A 45 -0.92 -13.92 -6.74
CA TRP A 45 -1.25 -13.66 -5.33
C TRP A 45 -2.67 -13.14 -5.28
N GLN A 46 -3.43 -13.70 -4.37
CA GLN A 46 -4.84 -13.37 -4.16
C GLN A 46 -5.07 -12.99 -2.69
N ASP A 47 -5.91 -11.98 -2.48
CA ASP A 47 -6.30 -11.60 -1.12
C ASP A 47 -7.50 -10.69 -1.18
N PHE A 48 -8.17 -10.56 -0.03
CA PHE A 48 -9.43 -9.84 0.18
C PHE A 48 -10.59 -10.58 -0.46
N ASN A 49 -11.78 -10.36 0.04
CA ASN A 49 -12.96 -11.11 -0.49
C ASN A 49 -14.22 -10.29 -0.28
N PHE A 50 -14.92 -10.10 -1.38
CA PHE A 50 -16.32 -9.60 -1.41
C PHE A 50 -17.22 -10.78 -1.75
N PRO A 51 -17.69 -11.54 -0.75
CA PRO A 51 -18.28 -12.85 -1.02
C PRO A 51 -19.59 -12.83 -1.79
N GLN A 52 -20.28 -11.71 -1.79
CA GLN A 52 -21.60 -11.70 -2.47
C GLN A 52 -21.44 -11.80 -3.99
N ALA A 53 -20.42 -11.17 -4.58
CA ALA A 53 -20.31 -11.11 -6.06
C ALA A 53 -18.89 -10.78 -6.53
N ALA A 54 -18.21 -9.76 -5.99
CA ALA A 54 -16.91 -9.37 -6.58
C ALA A 54 -15.77 -10.34 -6.31
N SER A 55 -15.86 -11.12 -5.28
CA SER A 55 -14.89 -12.23 -5.09
C SER A 55 -13.55 -11.63 -4.66
N ILE A 56 -12.50 -12.29 -5.07
CA ILE A 56 -11.17 -12.16 -4.42
C ILE A 56 -10.23 -11.30 -5.29
N GLY A 57 -9.45 -10.46 -4.64
CA GLY A 57 -8.51 -9.63 -5.38
C GLY A 57 -7.40 -10.44 -6.02
N ASP A 58 -6.93 -10.03 -7.19
CA ASP A 58 -5.76 -10.70 -7.82
C ASP A 58 -4.84 -9.68 -8.47
N GLU A 59 -5.28 -8.94 -9.49
CA GLU A 59 -4.38 -8.00 -10.18
C GLU A 59 -3.79 -7.04 -9.18
N TRP A 60 -4.62 -6.45 -8.33
CA TRP A 60 -4.14 -5.46 -7.34
C TRP A 60 -3.17 -6.12 -6.36
N VAL A 61 -3.56 -7.26 -5.81
CA VAL A 61 -2.76 -7.93 -4.77
C VAL A 61 -1.40 -8.30 -5.38
N THR A 62 -1.43 -8.85 -6.59
CA THR A 62 -0.21 -9.30 -7.29
C THR A 62 0.71 -8.12 -7.57
N ALA A 63 0.13 -7.02 -8.02
CA ALA A 63 0.93 -5.81 -8.29
C ALA A 63 1.58 -5.33 -6.98
N TYR A 64 0.83 -5.32 -5.90
CA TYR A 64 1.34 -4.83 -4.59
C TYR A 64 2.41 -5.80 -4.06
N VAL A 65 2.10 -7.08 -4.02
CA VAL A 65 3.05 -8.06 -3.44
C VAL A 65 4.32 -8.06 -4.28
N GLY A 66 4.17 -8.08 -5.61
CA GLY A 66 5.35 -8.09 -6.46
C GLY A 66 6.21 -6.86 -6.18
N THR A 67 5.60 -5.68 -6.05
CA THR A 67 6.34 -4.46 -5.73
C THR A 67 7.04 -4.61 -4.37
N MET A 68 6.34 -5.17 -3.39
CA MET A 68 6.94 -5.38 -2.06
C MET A 68 8.20 -6.24 -2.13
N LEU A 69 8.21 -7.23 -3.00
CA LEU A 69 9.31 -8.21 -3.11
C LEU A 69 10.44 -7.72 -4.02
N ALA A 70 10.23 -6.59 -4.68
CA ALA A 70 11.17 -6.14 -5.74
C ALA A 70 12.55 -5.78 -5.21
N THR A 71 12.72 -5.55 -3.92
CA THR A 71 14.07 -5.17 -3.41
C THR A 71 14.85 -6.41 -2.94
N LEU A 72 14.27 -7.60 -3.02
CA LEU A 72 15.07 -8.80 -2.73
C LEU A 72 16.09 -9.10 -3.81
N PRO A 73 17.30 -9.54 -3.43
CA PRO A 73 18.32 -9.86 -4.40
C PRO A 73 18.22 -11.25 -5.04
N TYR A 74 17.28 -12.05 -4.60
CA TYR A 74 17.23 -13.46 -4.98
C TYR A 74 16.77 -13.61 -6.43
N ALA A 75 17.49 -14.38 -7.20
CA ALA A 75 17.14 -14.56 -8.63
C ALA A 75 15.79 -15.21 -8.77
N HIS A 76 15.44 -16.15 -7.91
CA HIS A 76 14.14 -16.83 -8.03
C HIS A 76 12.99 -15.87 -7.71
N VAL A 77 13.20 -14.90 -6.84
CA VAL A 77 12.18 -13.88 -6.56
C VAL A 77 12.06 -12.99 -7.80
N HIS A 78 13.14 -12.57 -8.40
CA HIS A 78 13.04 -11.75 -9.66
C HIS A 78 12.28 -12.55 -10.72
N GLU A 79 12.52 -13.85 -10.83
CA GLU A 79 11.77 -14.70 -11.79
C GLU A 79 10.27 -14.66 -11.44
N ALA A 80 9.90 -14.77 -10.16
CA ALA A 80 8.50 -14.70 -9.75
C ALA A 80 7.89 -13.34 -10.15
N LEU A 81 8.66 -12.26 -10.06
CA LEU A 81 8.14 -10.92 -10.42
C LEU A 81 8.00 -10.81 -11.93
N MET A 82 8.91 -11.38 -12.68
CA MET A 82 8.80 -11.43 -14.15
CA MET A 82 8.76 -11.33 -14.14
C MET A 82 7.50 -12.14 -14.52
N GLN A 83 7.24 -13.26 -13.88
CA GLN A 83 6.01 -14.04 -14.12
C GLN A 83 4.78 -13.20 -13.77
N ALA A 84 4.80 -12.51 -12.64
CA ALA A 84 3.71 -11.64 -12.20
C ALA A 84 3.43 -10.59 -13.29
N TRP A 85 4.47 -9.99 -13.82
CA TRP A 85 4.28 -9.00 -14.90
C TRP A 85 3.67 -9.64 -16.15
N GLU A 86 4.10 -10.85 -16.49
CA GLU A 86 3.51 -11.53 -17.64
C GLU A 86 2.01 -11.74 -17.37
N LEU A 87 1.63 -12.17 -16.18
CA LEU A 87 0.20 -12.38 -15.80
C LEU A 87 -0.55 -11.07 -15.97
N LEU A 88 0.01 -9.96 -15.50
CA LEU A 88 -0.64 -8.65 -15.63
C LEU A 88 -0.78 -8.27 -17.11
N LYS A 89 0.22 -8.55 -17.94
CA LYS A 89 0.09 -8.17 -19.37
C LYS A 89 -1.04 -8.94 -20.06
N ILE A 90 -1.33 -10.15 -19.61
CA ILE A 90 -2.43 -10.97 -20.20
C ILE A 90 -3.80 -10.41 -19.77
N ARG A 91 -3.85 -9.63 -18.69
CA ARG A 91 -5.08 -8.88 -18.26
C ARG A 91 -5.18 -7.58 -19.07
N ASP A 92 -5.51 -7.75 -20.34
CA ASP A 92 -5.52 -6.67 -21.37
C ASP A 92 -6.96 -6.41 -21.88
N HIS A 93 -7.97 -6.73 -21.09
CA HIS A 93 -9.38 -6.73 -21.54
C HIS A 93 -9.98 -5.35 -21.36
N ARG A 94 -9.36 -4.43 -20.65
CA ARG A 94 -10.00 -3.10 -20.42
C ARG A 94 -9.48 -2.12 -21.45
N PRO A 95 -10.37 -1.32 -22.07
CA PRO A 95 -9.93 -0.47 -23.17
C PRO A 95 -8.98 0.63 -22.76
N THR A 96 -8.93 0.98 -21.48
CA THR A 96 -7.98 2.04 -21.01
C THR A 96 -6.58 1.49 -20.81
N GLY A 97 -6.43 0.17 -20.72
CA GLY A 97 -5.16 -0.46 -20.34
C GLY A 97 -4.92 -0.48 -18.84
N GLU A 98 -5.89 -0.07 -18.05
CA GLU A 98 -5.77 -0.14 -16.58
C GLU A 98 -5.89 -1.56 -16.06
N TRP A 99 -5.42 -1.70 -14.83
CA TRP A 99 -5.69 -2.88 -14.03
C TRP A 99 -6.68 -2.51 -12.91
N GLY A 100 -7.27 -3.51 -12.30
CA GLY A 100 -8.27 -3.33 -11.26
C GLY A 100 -8.15 -4.37 -10.18
N TYR A 101 -9.14 -4.42 -9.33
CA TYR A 101 -9.11 -5.33 -8.15
C TYR A 101 -8.93 -6.76 -8.61
N ASN A 102 -9.69 -7.13 -9.60
CA ASN A 102 -9.62 -8.45 -10.26
C ASN A 102 -10.26 -8.34 -11.66
N TYR A 103 -10.37 -9.45 -12.36
CA TYR A 103 -10.81 -9.43 -13.77
C TYR A 103 -12.16 -8.71 -13.89
N ILE A 104 -13.10 -8.96 -12.99
CA ILE A 104 -14.50 -8.53 -13.17
C ILE A 104 -14.70 -7.07 -12.75
N LEU A 105 -13.76 -6.46 -12.06
CA LEU A 105 -13.85 -5.03 -11.72
C LEU A 105 -13.30 -4.17 -12.84
N CYS A 106 -13.78 -2.95 -12.83
CA CYS A 106 -13.26 -1.88 -13.67
C CYS A 106 -11.85 -1.52 -13.23
N GLY A 107 -11.16 -0.83 -14.11
CA GLY A 107 -9.82 -0.29 -13.82
C GLY A 107 -9.91 0.68 -12.67
N ASP A 108 -8.78 0.82 -12.00
CA ASP A 108 -8.63 1.88 -10.99
C ASP A 108 -7.19 2.33 -10.94
N ALA A 109 -7.04 3.55 -10.46
CA ALA A 109 -5.75 4.22 -10.47
C ALA A 109 -4.78 3.57 -9.48
N ALA A 110 -5.27 3.12 -8.34
CA ALA A 110 -4.35 2.60 -7.31
C ALA A 110 -3.74 1.28 -7.82
N THR A 111 -4.55 0.37 -8.32
CA THR A 111 -4.02 -0.89 -8.82
C THR A 111 -3.04 -0.59 -9.94
N THR A 112 -3.42 0.33 -10.83
CA THR A 112 -2.59 0.63 -11.99
C THR A 112 -1.26 1.23 -11.54
N GLY A 113 -1.28 2.09 -10.54
CA GLY A 113 0.00 2.63 -10.02
C GLY A 113 0.90 1.54 -9.46
N TRP A 114 0.36 0.60 -8.68
CA TRP A 114 1.19 -0.50 -8.16
C TRP A 114 1.68 -1.37 -9.30
N ALA A 115 0.85 -1.64 -10.30
CA ALA A 115 1.30 -2.48 -11.42
C ALA A 115 2.46 -1.81 -12.15
N LEU A 116 2.45 -0.51 -12.27
CA LEU A 116 3.52 0.24 -12.93
C LEU A 116 4.81 0.24 -12.11
N GLN A 117 4.68 0.20 -10.79
CA GLN A 117 5.87 0.02 -9.90
C GLN A 117 6.49 -1.37 -10.14
N LEU A 118 5.65 -2.40 -10.26
CA LEU A 118 6.14 -3.75 -10.59
C LEU A 118 6.78 -3.74 -11.97
N ALA A 119 6.17 -3.10 -12.94
CA ALA A 119 6.77 -2.98 -14.28
C ALA A 119 8.18 -2.40 -14.17
N ALA A 120 8.35 -1.33 -13.42
CA ALA A 120 9.68 -0.71 -13.30
C ALA A 120 10.66 -1.77 -12.77
N ALA A 121 10.24 -2.52 -11.77
CA ALA A 121 11.17 -3.49 -11.12
C ALA A 121 11.63 -4.60 -12.08
N VAL A 122 10.83 -4.88 -13.10
CA VAL A 122 11.19 -5.93 -14.09
C VAL A 122 11.59 -5.32 -15.45
N GLY A 123 11.88 -4.04 -15.49
CA GLY A 123 12.48 -3.41 -16.67
C GLY A 123 11.47 -3.15 -17.76
N ALA A 124 10.19 -3.03 -17.42
CA ALA A 124 9.12 -2.93 -18.44
C ALA A 124 8.44 -1.55 -18.37
N SER A 125 9.07 -0.55 -17.75
CA SER A 125 8.49 0.82 -17.70
C SER A 125 8.26 1.39 -19.08
N ASP A 126 9.11 1.03 -20.02
CA ASP A 126 9.11 1.62 -21.36
C ASP A 126 8.23 0.75 -22.29
N SER A 127 7.57 -0.29 -21.78
CA SER A 127 6.74 -1.16 -22.61
C SER A 127 5.51 -0.44 -23.13
N GLU A 128 4.96 -0.93 -24.25
CA GLU A 128 3.69 -0.36 -24.80
C GLU A 128 2.61 -0.37 -23.70
N ARG A 129 2.44 -1.48 -22.97
CA ARG A 129 1.35 -1.57 -21.98
C ARG A 129 1.60 -0.58 -20.86
N ALA A 130 2.82 -0.47 -20.38
CA ALA A 130 3.09 0.46 -19.28
C ALA A 130 2.77 1.89 -19.76
N GLN A 131 3.17 2.24 -20.96
CA GLN A 131 2.89 3.59 -21.51
C GLN A 131 1.37 3.86 -21.59
N GLN A 132 0.61 2.85 -22.01
CA GLN A 132 -0.86 2.95 -22.11
C GLN A 132 -1.45 3.13 -20.72
N ALA A 133 -0.98 2.36 -19.75
CA ALA A 133 -1.52 2.45 -18.38
C ALA A 133 -1.17 3.79 -17.74
N ARG A 134 0.03 4.32 -17.98
CA ARG A 134 0.38 5.64 -17.46
C ARG A 134 -0.53 6.70 -18.04
N ALA A 135 -0.77 6.60 -19.33
CA ALA A 135 -1.67 7.55 -19.97
C ALA A 135 -3.04 7.48 -19.30
N ALA A 136 -3.55 6.27 -19.06
CA ALA A 136 -4.84 6.12 -18.40
C ALA A 136 -4.83 6.81 -17.02
N LEU A 137 -3.74 6.75 -16.29
CA LEU A 137 -3.70 7.43 -14.98
C LEU A 137 -3.94 8.92 -15.15
N ALA A 138 -3.45 9.52 -16.24
CA ALA A 138 -3.63 10.96 -16.41
C ALA A 138 -5.11 11.29 -16.42
N THR A 139 -5.98 10.41 -16.92
CA THR A 139 -7.42 10.70 -16.96
C THR A 139 -7.98 10.93 -15.54
N HIS A 140 -7.40 10.26 -14.54
CA HIS A 140 -7.84 10.32 -13.15
C HIS A 140 -7.36 11.58 -12.40
N LEU A 141 -6.50 12.38 -13.01
CA LEU A 141 -6.05 13.64 -12.37
C LEU A 141 -7.25 14.57 -12.17
N GLN A 142 -7.28 15.18 -11.00
CA GLN A 142 -8.40 16.03 -10.55
C GLN A 142 -7.98 17.49 -10.63
N PRO A 143 -8.94 18.42 -10.73
CA PRO A 143 -8.60 19.84 -10.72
C PRO A 143 -7.77 20.33 -9.52
N ASN A 144 -7.88 19.67 -8.38
CA ASN A 144 -7.06 19.98 -7.18
C ASN A 144 -5.67 19.35 -7.22
N GLY A 145 -5.32 18.59 -8.25
CA GLY A 145 -3.93 18.13 -8.45
C GLY A 145 -3.62 16.72 -7.93
N GLY A 146 -4.60 16.08 -7.33
CA GLY A 146 -4.57 14.69 -6.91
C GLY A 146 -5.18 13.72 -7.89
N ILE A 147 -5.07 12.44 -7.58
CA ILE A 147 -5.53 11.31 -8.42
C ILE A 147 -6.74 10.69 -7.75
N ALA A 148 -7.82 10.52 -8.49
CA ALA A 148 -9.02 9.79 -8.06
C ALA A 148 -8.86 8.31 -8.37
N THR A 149 -9.41 7.46 -7.53
CA THR A 149 -9.32 6.00 -7.74
C THR A 149 -10.11 5.59 -8.97
N PHE A 150 -11.35 6.05 -9.06
CA PHE A 150 -12.32 5.54 -10.04
C PHE A 150 -12.89 6.67 -10.90
N ALA A 151 -13.11 6.32 -12.16
CA ALA A 151 -14.08 7.03 -13.04
C ALA A 151 -15.50 6.76 -12.59
N GLU A 152 -16.29 7.80 -12.47
CA GLU A 152 -17.66 7.68 -11.92
C GLU A 152 -18.46 6.68 -12.75
N GLU A 153 -18.50 6.86 -14.07
CA GLU A 153 -19.38 5.99 -14.86
C GLU A 153 -18.90 4.53 -14.80
N SER A 154 -17.59 4.27 -14.63
CA SER A 154 -17.07 2.88 -14.54
C SER A 154 -17.53 2.21 -13.24
N ILE A 155 -17.39 2.90 -12.13
CA ILE A 155 -17.73 2.24 -10.83
C ILE A 155 -19.24 2.31 -10.53
N ARG A 156 -19.96 3.32 -11.00
CA ARG A 156 -21.40 3.43 -10.71
C ARG A 156 -22.12 2.17 -11.25
N ALA A 157 -21.64 1.60 -12.37
CA ALA A 157 -22.21 0.38 -12.98
C ALA A 157 -22.26 -0.80 -11.96
N TYR A 158 -21.37 -0.88 -10.94
CA TYR A 158 -21.35 -1.97 -9.95
C TYR A 158 -22.34 -1.74 -8.82
N ILE A 159 -22.98 -0.58 -8.77
CA ILE A 159 -23.92 -0.25 -7.64
C ILE A 159 -25.33 -0.11 -8.23
N LYS A 160 -26.13 -1.18 -8.18
CA LYS A 160 -27.44 -1.24 -8.90
C LYS A 160 -28.59 -1.16 -7.88
N VAL A 161 -28.33 -1.36 -6.58
CA VAL A 161 -29.43 -1.21 -5.60
C VAL A 161 -29.99 0.20 -5.65
N PRO A 162 -31.33 0.30 -5.75
CA PRO A 162 -31.99 1.60 -5.87
C PRO A 162 -31.47 2.65 -4.88
N ASP A 163 -31.18 2.24 -3.63
CA ASP A 163 -30.93 3.16 -2.49
C ASP A 163 -29.59 3.88 -2.68
N LEU A 164 -28.66 3.30 -3.45
CA LEU A 164 -27.30 3.85 -3.66
C LEU A 164 -27.07 4.19 -5.12
N ALA A 165 -27.85 3.66 -6.05
CA ALA A 165 -27.50 3.79 -7.48
C ALA A 165 -27.43 5.28 -7.83
N ASN A 166 -28.20 6.16 -7.17
CA ASN A 166 -28.31 7.57 -7.59
C ASN A 166 -27.81 8.56 -6.54
N VAL A 167 -27.03 8.11 -5.57
CA VAL A 167 -26.37 9.00 -4.57
C VAL A 167 -25.11 9.56 -5.23
N SER A 168 -24.57 10.61 -4.62
CA SER A 168 -23.26 11.16 -5.00
C SER A 168 -22.26 10.00 -5.00
N PHE A 169 -21.40 10.01 -6.00
CA PHE A 169 -20.15 9.21 -6.00
C PHE A 169 -18.92 10.11 -5.83
N GLN A 170 -19.04 11.32 -5.28
CA GLN A 170 -17.88 12.23 -5.22
C GLN A 170 -16.92 11.78 -4.12
N GLY A 171 -17.30 10.86 -3.26
CA GLY A 171 -16.32 10.24 -2.38
C GLY A 171 -15.45 9.26 -3.12
N TRP A 172 -16.04 8.27 -3.77
CA TRP A 172 -15.26 7.24 -4.46
C TRP A 172 -14.52 7.79 -5.68
N CYS A 173 -14.97 8.91 -6.22
CA CYS A 173 -14.44 9.48 -7.46
C CYS A 173 -13.73 10.81 -7.25
N GLY A 174 -13.46 11.19 -6.01
CA GLY A 174 -12.65 12.37 -5.74
C GLY A 174 -11.19 12.00 -5.59
N ALA A 175 -10.33 13.01 -5.50
CA ALA A 175 -8.89 12.78 -5.28
C ALA A 175 -8.71 12.05 -3.95
N HIS A 176 -7.80 11.12 -3.98
CA HIS A 176 -7.47 10.27 -2.82
C HIS A 176 -6.01 10.36 -2.48
N THR A 177 -5.70 10.66 -1.22
CA THR A 177 -4.29 10.87 -0.88
C THR A 177 -3.48 9.56 -0.98
N CYS A 178 -4.06 8.45 -0.54
CA CYS A 178 -3.39 7.12 -0.56
C CYS A 178 -3.06 6.69 -2.01
N VAL A 179 -3.96 6.96 -2.94
CA VAL A 179 -3.75 6.65 -4.35
C VAL A 179 -2.72 7.62 -4.93
N SER A 180 -2.85 8.90 -4.61
CA SER A 180 -1.92 9.91 -5.13
C SER A 180 -0.50 9.57 -4.68
N ALA A 181 -0.35 9.13 -3.42
CA ALA A 181 0.97 8.86 -2.89
C ALA A 181 1.59 7.66 -3.65
N ALA A 182 0.79 6.64 -3.97
CA ALA A 182 1.31 5.46 -4.70
C ALA A 182 1.67 5.84 -6.13
N VAL A 183 0.86 6.65 -6.79
CA VAL A 183 1.13 7.10 -8.17
C VAL A 183 2.36 8.02 -8.16
N ALA A 184 2.55 8.80 -7.10
CA ALA A 184 3.74 9.68 -7.01
C ALA A 184 5.05 8.87 -6.89
N ALA A 185 4.99 7.56 -6.67
CA ALA A 185 6.19 6.69 -6.74
C ALA A 185 6.68 6.59 -8.19
N LEU A 186 5.85 6.92 -9.15
CA LEU A 186 6.22 6.88 -10.59
C LEU A 186 6.86 8.22 -10.94
N PRO A 187 8.10 8.23 -11.47
CA PRO A 187 8.80 9.48 -11.72
C PRO A 187 8.04 10.39 -12.69
N GLU A 188 7.24 9.80 -13.60
CA GLU A 188 6.46 10.58 -14.59
C GLU A 188 5.40 11.46 -13.91
N PHE A 189 4.91 11.09 -12.71
CA PHE A 189 3.84 11.79 -12.01
C PHE A 189 4.30 12.58 -10.80
N ARG A 190 5.51 12.34 -10.34
CA ARG A 190 5.94 12.82 -9.03
C ARG A 190 5.77 14.34 -9.01
N SER A 191 6.30 15.01 -10.02
CA SER A 191 6.32 16.49 -10.09
C SER A 191 4.88 17.04 -10.11
N ARG A 192 4.02 16.44 -10.90
CA ARG A 192 2.63 16.94 -11.05
C ARG A 192 1.86 16.80 -9.73
N LEU A 193 2.14 15.78 -8.94
CA LEU A 193 1.37 15.50 -7.71
C LEU A 193 1.98 16.23 -6.52
N HIS A 194 3.13 16.83 -6.69
CA HIS A 194 3.88 17.39 -5.55
C HIS A 194 3.04 18.35 -4.71
N ASP A 195 2.42 19.34 -5.34
CA ASP A 195 1.72 20.37 -4.54
C ASP A 195 0.53 19.78 -3.78
N TYR A 196 -0.22 18.89 -4.40
CA TYR A 196 -1.34 18.23 -3.73
C TYR A 196 -0.79 17.47 -2.50
N LEU A 197 0.31 16.74 -2.67
CA LEU A 197 0.90 15.99 -1.51
C LEU A 197 1.30 16.98 -0.42
N ARG A 198 1.93 18.07 -0.78
CA ARG A 198 2.33 19.03 0.26
C ARG A 198 1.12 19.64 1.00
N VAL A 199 0.08 20.04 0.29
CA VAL A 199 -1.03 20.78 0.96
C VAL A 199 -1.87 19.83 1.82
N THR A 200 -1.83 18.53 1.59
CA THR A 200 -2.66 17.58 2.32
C THR A 200 -2.01 17.09 3.62
N GLN A 201 -0.79 17.50 3.89
CA GLN A 201 -0.15 17.10 5.16
C GLN A 201 -0.90 17.73 6.34
N THR A 202 -1.15 16.96 7.39
CA THR A 202 -1.82 17.51 8.59
C THR A 202 -0.82 18.34 9.41
N SER A 203 -1.37 19.09 10.37
CA SER A 203 -0.53 19.87 11.29
C SER A 203 0.35 18.96 12.15
N GLN A 204 -0.03 17.68 12.29
N GLN A 204 -0.01 17.68 12.28
CA GLN A 204 0.69 16.67 13.11
CA GLN A 204 0.74 16.72 13.13
C GLN A 204 1.85 16.03 12.33
C GLN A 204 1.84 16.00 12.33
N GLY A 205 1.93 16.28 11.03
CA GLY A 205 2.98 15.74 10.17
C GLY A 205 2.65 14.52 9.36
N ASN A 206 1.49 13.93 9.59
CA ASN A 206 1.04 12.74 8.85
C ASN A 206 0.12 13.14 7.68
N TRP A 207 -0.15 12.15 6.88
CA TRP A 207 -1.24 12.20 5.91
C TRP A 207 -2.30 11.18 6.35
N GLU A 208 -3.49 11.38 5.81
CA GLU A 208 -4.61 10.45 6.00
C GLU A 208 -5.04 9.93 4.63
N GLY A 209 -5.31 8.64 4.56
CA GLY A 209 -5.82 8.05 3.33
C GLY A 209 -7.35 7.99 3.26
N TYR A 210 -7.83 7.55 2.13
CA TYR A 210 -9.27 7.39 1.90
C TYR A 210 -9.70 5.97 2.26
N TRP A 211 -9.12 4.99 1.57
CA TRP A 211 -9.54 3.57 1.70
C TRP A 211 -8.87 2.90 2.91
N TRP A 212 -7.67 3.25 3.23
CA TRP A 212 -6.96 2.57 4.33
C TRP A 212 -7.25 3.15 5.69
N SER A 213 -7.41 2.25 6.67
CA SER A 213 -7.63 2.64 8.09
C SER A 213 -6.34 3.26 8.63
N ASP A 214 -5.20 2.70 8.30
CA ASP A 214 -3.90 3.04 8.96
C ASP A 214 -3.16 4.16 8.23
N HIS A 215 -3.08 5.33 8.84
CA HIS A 215 -2.45 6.53 8.20
C HIS A 215 -0.97 6.33 7.93
N GLU A 216 -0.35 5.32 8.56
CA GLU A 216 1.08 5.05 8.32
C GLU A 216 1.32 4.70 6.83
N TYR A 217 0.38 4.04 6.19
CA TYR A 217 0.49 3.66 4.75
C TYR A 217 0.65 4.93 3.93
N THR A 218 -0.29 5.84 4.06
CA THR A 218 -0.29 7.05 3.22
C THR A 218 0.88 7.94 3.60
N THR A 219 1.16 7.99 4.88
CA THR A 219 2.23 8.88 5.36
C THR A 219 3.59 8.40 4.84
N ALA A 220 3.89 7.09 4.95
CA ALA A 220 5.14 6.55 4.45
C ALA A 220 5.23 6.78 2.94
N LEU A 221 4.16 6.46 2.20
CA LEU A 221 4.29 6.56 0.73
C LEU A 221 4.45 8.02 0.30
N THR A 222 3.82 8.93 1.01
CA THR A 222 3.85 10.35 0.62
C THR A 222 5.24 10.87 0.92
N ALA A 223 5.74 10.62 2.15
CA ALA A 223 7.09 11.06 2.53
C ALA A 223 8.13 10.46 1.57
N GLU A 224 7.98 9.19 1.15
CA GLU A 224 8.92 8.55 0.19
C GLU A 224 8.88 9.28 -1.16
N ALA A 225 7.70 9.69 -1.63
CA ALA A 225 7.62 10.40 -2.92
C ALA A 225 8.32 11.76 -2.81
N LEU A 226 8.13 12.45 -1.70
CA LEU A 226 8.79 13.76 -1.48
C LEU A 226 10.30 13.54 -1.38
N ALA A 227 10.73 12.48 -0.71
CA ALA A 227 12.18 12.19 -0.60
C ALA A 227 12.76 11.91 -1.99
N ALA A 228 12.07 11.12 -2.81
CA ALA A 228 12.58 10.71 -4.13
C ALA A 228 12.73 11.92 -5.04
N GLY A 229 11.91 12.93 -4.85
CA GLY A 229 11.99 14.14 -5.67
C GLY A 229 13.25 14.96 -5.36
N GLY A 230 13.79 14.83 -4.16
CA GLY A 230 15.07 15.45 -3.82
C GLY A 230 14.99 16.94 -3.55
N GLN A 231 13.84 17.58 -3.53
CA GLN A 231 13.76 19.06 -3.33
C GLN A 231 14.05 19.35 -1.86
N ALA A 232 14.97 20.24 -1.57
CA ALA A 232 15.26 20.60 -0.16
C ALA A 232 14.03 21.22 0.48
N ALA A 233 13.15 21.86 -0.28
CA ALA A 233 11.96 22.52 0.28
C ALA A 233 11.05 21.50 0.94
N ASP A 234 11.17 20.23 0.54
CA ASP A 234 10.26 19.19 1.06
C ASP A 234 10.89 18.47 2.27
N GLN A 235 12.16 18.69 2.56
CA GLN A 235 12.80 17.94 3.66
C GLN A 235 12.16 18.22 5.01
N PRO A 236 11.77 19.47 5.34
CA PRO A 236 11.10 19.65 6.62
C PRO A 236 9.82 18.82 6.77
N SER A 237 9.07 18.70 5.68
CA SER A 237 7.81 17.93 5.69
C SER A 237 8.14 16.47 5.98
N ILE A 238 9.16 15.96 5.35
CA ILE A 238 9.60 14.56 5.58
C ILE A 238 10.01 14.37 7.04
N GLU A 239 10.77 15.31 7.58
CA GLU A 239 11.22 15.17 8.97
C GLU A 239 10.02 15.23 9.94
N GLN A 240 9.03 16.08 9.64
N GLN A 240 9.01 16.03 9.61
CA GLN A 240 7.79 16.16 10.44
CA GLN A 240 7.84 16.10 10.50
C GLN A 240 7.07 14.80 10.43
C GLN A 240 7.05 14.79 10.43
N ALA A 241 7.04 14.15 9.28
CA ALA A 241 6.40 12.83 9.14
C ALA A 241 7.18 11.78 9.95
N VAL A 242 8.50 11.81 9.87
CA VAL A 242 9.36 10.88 10.66
C VAL A 242 9.10 11.10 12.15
N ALA A 243 9.01 12.35 12.58
CA ALA A 243 8.73 12.67 13.99
C ALA A 243 7.36 12.10 14.39
N TRP A 244 6.36 12.21 13.52
CA TRP A 244 5.03 11.64 13.77
C TRP A 244 5.20 10.11 13.90
N GLY A 245 5.94 9.47 13.02
CA GLY A 245 6.17 8.03 13.10
C GLY A 245 6.79 7.62 14.43
N LEU A 246 7.74 8.44 14.89
CA LEU A 246 8.38 8.12 16.16
C LEU A 246 7.32 8.14 17.27
N LYS A 247 6.42 9.12 17.24
CA LYS A 247 5.36 9.23 18.28
C LYS A 247 4.39 8.02 18.15
N ARG A 248 4.13 7.56 16.93
CA ARG A 248 3.20 6.43 16.72
C ARG A 248 3.76 5.10 17.22
N LEU A 249 5.08 4.93 17.16
CA LEU A 249 5.70 3.67 17.57
C LEU A 249 5.94 3.72 19.07
N CYS A 250 5.35 2.81 19.81
N CYS A 250 5.27 2.81 19.78
CA CYS A 250 5.57 2.85 21.27
CA CYS A 250 5.41 2.60 21.26
C CYS A 250 6.91 2.19 21.55
C CYS A 250 6.86 2.15 21.56
N PRO A 251 7.44 2.39 22.77
CA PRO A 251 8.72 1.82 23.15
C PRO A 251 8.85 0.30 22.94
N GLN A 252 7.74 -0.43 23.04
CA GLN A 252 7.74 -1.90 22.83
C GLN A 252 8.00 -2.24 21.37
N GLY A 253 7.89 -1.28 20.42
CA GLY A 253 8.19 -1.49 18.99
C GLY A 253 6.98 -1.71 18.12
N PHE A 254 5.79 -1.26 18.51
CA PHE A 254 4.61 -1.39 17.63
C PHE A 254 3.81 -0.11 17.61
N VAL A 255 3.05 0.00 16.55
CA VAL A 255 1.95 0.98 16.42
C VAL A 255 0.68 0.34 16.96
N ALA A 256 0.11 0.98 17.97
CA ALA A 256 -1.13 0.53 18.57
C ALA A 256 -2.31 1.19 17.87
N THR A 257 -3.39 0.44 17.69
CA THR A 257 -4.67 0.95 17.18
C THR A 257 -5.80 0.54 18.12
N SER A 258 -6.97 1.18 17.95
CA SER A 258 -8.17 0.80 18.74
C SER A 258 -8.45 -0.68 18.53
N LYS A 259 -8.30 -1.17 17.29
CA LYS A 259 -8.57 -2.59 16.96
C LYS A 259 -7.49 -3.53 17.48
N HIS A 260 -6.25 -3.08 17.44
CA HIS A 260 -5.08 -3.85 17.88
C HIS A 260 -4.30 -3.03 18.88
N PRO A 261 -4.78 -2.93 20.14
CA PRO A 261 -4.11 -2.05 21.10
C PRO A 261 -2.76 -2.57 21.58
N ASN A 262 -2.46 -3.82 21.24
CA ASN A 262 -1.13 -4.43 21.45
C ASN A 262 -0.31 -4.49 20.17
N GLY A 263 -0.73 -3.81 19.12
CA GLY A 263 0.08 -3.59 17.93
C GLY A 263 -0.52 -4.20 16.68
N SER A 264 -0.53 -3.39 15.63
CA SER A 264 -0.91 -3.79 14.28
C SER A 264 0.33 -4.11 13.48
N THR A 265 0.45 -5.31 12.95
CA THR A 265 1.61 -5.65 12.11
C THR A 265 1.67 -4.77 10.85
N PHE A 266 0.55 -4.50 10.21
CA PHE A 266 0.53 -3.71 8.95
C PHE A 266 0.94 -2.27 9.26
N ALA A 267 0.35 -1.66 10.30
CA ALA A 267 0.67 -0.26 10.63
C ALA A 267 2.14 -0.15 11.06
N THR A 268 2.61 -1.14 11.82
CA THR A 268 4.00 -1.10 12.32
C THR A 268 4.97 -1.20 11.15
N ALA A 269 4.69 -2.12 10.20
CA ALA A 269 5.54 -2.26 9.01
C ALA A 269 5.64 -0.94 8.23
N TRP A 270 4.50 -0.29 7.99
CA TRP A 270 4.54 0.99 7.25
C TRP A 270 5.24 2.08 8.08
N CYS A 271 5.10 2.04 9.38
CA CYS A 271 5.82 2.99 10.25
C CYS A 271 7.32 2.75 10.14
N LEU A 272 7.74 1.48 10.17
CA LEU A 272 9.17 1.14 10.01
C LEU A 272 9.71 1.70 8.69
N ARG A 273 8.97 1.53 7.61
CA ARG A 273 9.34 2.13 6.31
C ARG A 273 9.50 3.63 6.42
N LEU A 274 8.54 4.30 7.02
CA LEU A 274 8.61 5.76 7.21
C LEU A 274 9.87 6.17 7.95
N LEU A 275 10.22 5.39 8.98
CA LEU A 275 11.40 5.74 9.83
C LEU A 275 12.74 5.52 9.08
N LEU A 276 12.73 4.86 7.94
CA LEU A 276 13.93 4.72 7.10
C LEU A 276 14.31 6.04 6.44
N LEU A 277 13.44 7.03 6.46
CA LEU A 277 13.73 8.30 5.76
C LEU A 277 14.61 9.23 6.58
N ASN A 278 14.97 8.81 7.79
CA ASN A 278 16.02 9.52 8.54
C ASN A 278 17.03 8.49 9.01
N THR A 279 18.25 8.58 8.51
CA THR A 279 19.31 7.58 8.81
C THR A 279 20.36 8.13 9.75
N VAL A 280 20.19 9.35 10.25
CA VAL A 280 21.23 10.01 11.09
C VAL A 280 20.79 10.00 12.55
N ASP A 281 19.50 10.16 12.85
CA ASP A 281 19.00 10.37 14.23
C ASP A 281 19.09 9.08 15.05
N ALA A 282 19.76 9.12 16.18
CA ALA A 282 19.94 7.93 17.04
C ALA A 282 18.59 7.39 17.57
N GLU A 283 17.67 8.28 17.95
CA GLU A 283 16.36 7.85 18.50
C GLU A 283 15.60 7.10 17.37
N VAL A 284 15.62 7.64 16.15
CA VAL A 284 14.98 6.95 15.00
C VAL A 284 15.61 5.58 14.80
N LYS A 285 16.93 5.48 14.82
CA LYS A 285 17.57 4.15 14.58
C LYS A 285 17.11 3.15 15.68
N ALA A 286 17.07 3.62 16.91
CA ALA A 286 16.63 2.75 18.04
C ALA A 286 15.17 2.32 17.92
N ALA A 287 14.32 3.24 17.44
CA ALA A 287 12.90 2.92 17.19
C ALA A 287 12.80 1.84 16.11
N ARG A 288 13.55 1.98 15.01
CA ARG A 288 13.54 0.94 13.96
C ARG A 288 13.97 -0.41 14.54
N ALA A 289 15.00 -0.41 15.39
CA ALA A 289 15.49 -1.67 15.98
C ALA A 289 14.39 -2.28 16.83
N ALA A 290 13.63 -1.45 17.54
CA ALA A 290 12.53 -1.92 18.40
C ALA A 290 11.42 -2.53 17.54
N ALA A 291 11.07 -1.85 16.46
CA ALA A 291 10.03 -2.37 15.54
C ALA A 291 10.47 -3.72 14.94
N ILE A 292 11.74 -3.80 14.55
CA ILE A 292 12.24 -5.08 13.98
C ILE A 292 12.07 -6.17 15.05
N GLY A 293 12.50 -5.88 16.28
CA GLY A 293 12.36 -6.89 17.35
C GLY A 293 10.94 -7.36 17.53
N TRP A 294 10.03 -6.42 17.55
CA TRP A 294 8.61 -6.80 17.76
C TRP A 294 8.09 -7.62 16.58
N LEU A 295 8.38 -7.14 15.36
CA LEU A 295 7.95 -7.92 14.19
C LEU A 295 8.52 -9.36 14.19
N LEU A 296 9.78 -9.51 14.60
CA LEU A 296 10.36 -10.88 14.66
C LEU A 296 9.54 -11.73 15.65
N GLU A 297 9.18 -11.16 16.80
CA GLU A 297 8.42 -11.90 17.82
C GLU A 297 7.04 -12.31 17.29
N GLN A 298 6.44 -11.47 16.45
CA GLN A 298 5.03 -11.68 16.01
C GLN A 298 4.89 -12.66 14.85
N GLN A 299 5.97 -12.98 14.17
CA GLN A 299 5.91 -13.89 13.02
C GLN A 299 5.33 -15.23 13.42
N ARG A 300 4.48 -15.79 12.59
CA ARG A 300 3.89 -17.11 12.78
C ARG A 300 4.82 -18.20 12.29
N PRO A 301 4.64 -19.45 12.76
CA PRO A 301 5.54 -20.52 12.37
C PRO A 301 5.64 -20.77 10.86
N ASN A 302 4.57 -20.47 10.11
CA ASN A 302 4.56 -20.71 8.65
C ASN A 302 5.23 -19.53 7.90
N GLY A 303 5.72 -18.50 8.61
CA GLY A 303 6.46 -17.40 7.98
C GLY A 303 5.59 -16.16 7.80
N SER A 304 4.27 -16.30 7.96
CA SER A 304 3.34 -15.19 7.77
C SER A 304 3.28 -14.29 9.01
N TRP A 305 2.65 -13.12 8.86
CA TRP A 305 2.19 -12.33 10.00
C TRP A 305 0.65 -12.33 9.95
N VAL A 306 0.00 -12.16 11.12
CA VAL A 306 -1.46 -12.06 11.28
C VAL A 306 -1.98 -10.92 10.42
N SER A 307 -3.04 -11.19 9.67
CA SER A 307 -3.76 -10.17 8.87
C SER A 307 -4.10 -8.93 9.67
N SER A 308 -3.73 -7.78 9.15
CA SER A 308 -4.12 -6.51 9.77
C SER A 308 -4.23 -5.41 8.71
N ALA A 309 -4.37 -5.76 7.43
CA ALA A 309 -4.50 -4.73 6.38
C ALA A 309 -5.98 -4.38 6.21
N TYR A 310 -6.43 -3.42 6.98
CA TYR A 310 -7.86 -3.09 7.04
C TYR A 310 -8.20 -2.06 5.97
N LEU A 311 -9.14 -2.46 5.14
CA LEU A 311 -9.64 -1.71 3.97
C LEU A 311 -11.07 -1.27 4.22
N ARG A 312 -11.26 0.04 4.26
CA ARG A 312 -12.59 0.62 4.48
C ARG A 312 -13.39 0.61 3.17
N ILE A 313 -14.69 0.41 3.27
CA ILE A 313 -15.64 0.67 2.16
C ILE A 313 -16.50 1.84 2.61
N PRO A 314 -16.07 3.08 2.39
CA PRO A 314 -16.92 4.21 2.77
C PRO A 314 -18.17 4.22 1.87
N TYR A 315 -19.21 4.91 2.29
CA TYR A 315 -20.32 5.19 1.35
C TYR A 315 -19.81 6.01 0.16
N PRO A 316 -20.41 5.82 -1.04
CA PRO A 316 -19.88 6.45 -2.24
C PRO A 316 -19.83 7.98 -2.20
N PHE A 317 -20.66 8.55 -1.33
CA PHE A 317 -20.81 10.01 -1.17
C PHE A 317 -19.86 10.57 -0.11
N ASP A 318 -19.11 9.70 0.57
CA ASP A 318 -18.32 10.12 1.75
C ASP A 318 -16.97 10.72 1.32
N ARG A 319 -16.82 12.05 1.38
CA ARG A 319 -15.56 12.70 0.99
C ARG A 319 -14.49 12.57 2.06
N ASN A 320 -14.83 12.21 3.29
CA ASN A 320 -13.78 12.12 4.32
C ASN A 320 -14.07 10.96 5.26
N PRO A 321 -13.63 9.75 4.85
CA PRO A 321 -13.88 8.58 5.68
C PRO A 321 -13.12 8.64 7.02
N ASN A 322 -12.14 9.52 7.14
CA ASN A 322 -11.45 9.73 8.45
C ASN A 322 -12.31 10.46 9.46
N GLN A 323 -13.49 10.90 9.02
CA GLN A 323 -14.52 11.54 9.88
C GLN A 323 -15.78 10.70 9.97
N PHE A 324 -15.67 9.41 9.63
CA PHE A 324 -16.78 8.44 9.73
C PHE A 324 -16.59 7.63 10.99
N PRO A 325 -17.44 7.80 12.02
CA PRO A 325 -17.11 7.25 13.36
C PRO A 325 -17.55 5.82 13.69
N HIS A 326 -18.01 5.04 12.73
CA HIS A 326 -18.58 3.72 13.08
C HIS A 326 -18.57 2.68 12.00
N TRP A 327 -17.40 2.18 11.81
CA TRP A 327 -17.12 1.04 10.91
C TRP A 327 -17.56 -0.24 11.58
N ARG A 328 -18.22 -1.09 10.83
CA ARG A 328 -18.52 -2.51 11.19
C ARG A 328 -17.34 -3.30 10.59
N TYR A 329 -16.62 -4.11 11.35
CA TYR A 329 -15.69 -5.12 10.79
C TYR A 329 -16.59 -6.18 10.19
N TYR A 330 -16.54 -6.34 8.87
CA TYR A 330 -17.58 -7.11 8.14
C TYR A 330 -17.71 -8.52 8.74
N LYS A 337 -25.82 -8.45 4.56
CA LYS A 337 -25.57 -7.00 4.75
C LYS A 337 -24.68 -6.48 3.62
N ARG A 338 -24.95 -5.27 3.17
CA ARG A 338 -24.03 -4.59 2.25
C ARG A 338 -22.74 -4.17 2.96
N PHE A 339 -21.77 -3.76 2.16
CA PHE A 339 -20.38 -3.52 2.61
C PHE A 339 -20.11 -2.04 2.91
N GLU A 340 -20.97 -1.14 2.48
CA GLU A 340 -20.77 0.29 2.77
C GLU A 340 -20.82 0.50 4.28
N GLY A 341 -19.84 1.22 4.82
CA GLY A 341 -19.72 1.43 6.28
C GLY A 341 -19.02 0.30 6.98
N SER A 342 -18.40 -0.59 6.23
CA SER A 342 -17.70 -1.75 6.83
C SER A 342 -16.23 -1.74 6.44
N ILE A 343 -15.46 -2.52 7.20
CA ILE A 343 -14.03 -2.76 7.01
C ILE A 343 -13.82 -4.23 6.68
N ILE A 344 -13.00 -4.50 5.68
CA ILE A 344 -12.57 -5.87 5.41
C ILE A 344 -11.08 -5.99 5.61
N PHE A 345 -10.62 -7.21 5.53
CA PHE A 345 -9.16 -7.44 5.71
C PHE A 345 -8.65 -8.47 4.70
N ASP A 346 -7.34 -8.65 4.77
CA ASP A 346 -6.62 -9.62 3.93
C ASP A 346 -6.68 -11.02 4.52
N HIS A 347 -7.73 -11.77 4.19
CA HIS A 347 -8.00 -13.06 4.86
C HIS A 347 -6.86 -14.04 4.67
N ASN A 348 -6.06 -13.94 3.61
CA ASN A 348 -4.98 -14.91 3.36
C ASN A 348 -3.69 -14.48 4.06
N SER A 349 -3.65 -13.29 4.64
CA SER A 349 -2.45 -12.72 5.28
C SER A 349 -1.33 -12.43 4.27
N ILE A 350 -1.61 -12.51 2.96
CA ILE A 350 -0.56 -12.27 1.93
C ILE A 350 -0.24 -10.78 1.89
N PHE A 351 -1.24 -9.94 1.90
CA PHE A 351 -1.04 -8.47 1.82
C PHE A 351 -0.20 -7.99 3.00
N THR A 352 -0.61 -8.41 4.21
CA THR A 352 0.13 -8.06 5.45
C THR A 352 1.57 -8.59 5.38
N THR A 353 1.68 -9.89 5.10
CA THR A 353 3.02 -10.53 5.12
C THR A 353 3.96 -9.82 4.16
N ALA A 354 3.48 -9.51 2.94
CA ALA A 354 4.36 -8.85 1.95
C ALA A 354 4.79 -7.47 2.45
N THR A 355 3.89 -6.76 3.12
CA THR A 355 4.20 -5.43 3.66
C THR A 355 5.32 -5.58 4.71
N VAL A 356 5.13 -6.53 5.63
CA VAL A 356 6.11 -6.72 6.71
C VAL A 356 7.47 -7.11 6.15
N VAL A 357 7.48 -8.05 5.23
N VAL A 357 7.51 -8.09 5.25
CA VAL A 357 8.81 -8.49 4.78
CA VAL A 357 8.77 -8.52 4.57
C VAL A 357 9.50 -7.38 3.96
C VAL A 357 9.50 -7.30 4.02
N ASN A 358 8.76 -6.52 3.25
CA ASN A 358 9.37 -5.38 2.56
C ASN A 358 10.01 -4.44 3.59
N SER A 359 9.31 -4.14 4.69
CA SER A 359 9.85 -3.21 5.71
C SER A 359 11.12 -3.81 6.32
N LEU A 360 11.14 -5.11 6.55
CA LEU A 360 12.29 -5.74 7.20
C LEU A 360 13.48 -5.77 6.23
N VAL A 361 13.24 -6.07 4.96
CA VAL A 361 14.33 -6.11 3.96
C VAL A 361 14.93 -4.71 3.84
N LYS A 362 14.09 -3.67 3.82
CA LYS A 362 14.60 -2.29 3.69
C LYS A 362 15.34 -1.87 4.97
N ALA A 363 14.87 -2.29 6.14
CA ALA A 363 15.44 -1.81 7.40
C ALA A 363 16.69 -2.59 7.77
N ALA A 364 16.85 -3.82 7.29
CA ALA A 364 17.93 -4.71 7.76
C ALA A 364 19.31 -4.10 7.58
N PRO A 365 19.66 -3.48 6.42
CA PRO A 365 20.99 -2.94 6.24
C PRO A 365 21.30 -1.77 7.19
N MET A 366 20.28 -1.21 7.83
CA MET A 366 20.39 -0.02 8.74
C MET A 366 20.23 -0.43 10.20
N LEU A 367 20.23 -1.72 10.49
CA LEU A 367 19.91 -2.19 11.85
C LEU A 367 20.85 -1.50 12.88
#